data_7TRR
#
_entry.id   7TRR
#
_cell.length_a   145.680
_cell.length_b   145.680
_cell.length_c   78.410
_cell.angle_alpha   90.000
_cell.angle_beta   90.000
_cell.angle_gamma   120.000
#
_symmetry.space_group_name_H-M   'H 3 2'
#
loop_
_entity.id
_entity.type
_entity.pdbx_description
1 polymer 'Peptidoglycan O-acetyltransferase B'
2 non-polymer 'methanesulfonic acid'
3 water water
#
_entity_poly.entity_id   1
_entity_poly.type   'polypeptide(L)'
_entity_poly.pdbx_seq_one_letter_code
;EWKQGTEAAAVRSGDKVFFAGDSLMQGVAPFVQKSLKQQYGIESANLSKQSTGLSYPSFFDWPKTIEETLKKHPEISVLA
VFLGPNDPWDFPVGKRYLKFASDEWAQEYLKRVDRILEAAHTHRVQVVWLGIPYMKKVKLDGQMRYLDKLLSEHLKGKII
LIPTAQTLSGGKGRYTDSVNVNGKPVRYRSKDGIHFTAEGQKLLAEKIMEKIVFEPSTQPSSTQP
;
_entity_poly.pdbx_strand_id   A
#
loop_
_chem_comp.id
_chem_comp.type
_chem_comp.name
_chem_comp.formula
03S non-polymer 'methanesulfonic acid' 'C H4 O3 S'
#
# COMPACT_ATOMS: atom_id res chain seq x y z
N TRP A 2 -19.17 1.19 7.23
CA TRP A 2 -19.22 1.25 5.76
C TRP A 2 -18.36 0.15 5.13
N LYS A 3 -18.93 -0.58 4.16
CA LYS A 3 -18.29 -1.70 3.50
C LYS A 3 -17.88 -1.30 2.10
N GLN A 4 -16.58 -1.17 1.86
CA GLN A 4 -16.11 -0.92 0.51
C GLN A 4 -16.15 -2.20 -0.31
N GLY A 5 -15.89 -2.05 -1.61
CA GLY A 5 -15.65 -3.23 -2.44
C GLY A 5 -14.31 -3.86 -2.06
N THR A 6 -14.26 -5.19 -2.15
CA THR A 6 -13.02 -5.90 -1.80
C THR A 6 -12.27 -6.41 -3.02
N GLU A 7 -12.83 -6.27 -4.21
CA GLU A 7 -12.17 -6.73 -5.44
C GLU A 7 -11.56 -5.60 -6.25
N ALA A 8 -12.16 -4.41 -6.23
CA ALA A 8 -11.64 -3.29 -6.99
C ALA A 8 -12.30 -2.02 -6.46
N ALA A 9 -11.72 -0.88 -6.83
CA ALA A 9 -12.22 0.43 -6.44
C ALA A 9 -12.75 1.15 -7.66
N ALA A 10 -13.87 1.83 -7.50
CA ALA A 10 -14.49 2.57 -8.60
C ALA A 10 -14.16 4.06 -8.45
N VAL A 11 -13.85 4.71 -9.58
CA VAL A 11 -13.57 6.14 -9.59
C VAL A 11 -14.43 6.81 -10.66
N ARG A 12 -14.93 7.99 -10.34
CA ARG A 12 -15.66 8.84 -11.28
C ARG A 12 -14.85 10.10 -11.56
N SER A 13 -15.14 10.73 -12.71
N SER A 13 -15.13 10.73 -12.70
CA SER A 13 -14.56 12.04 -13.00
CA SER A 13 -14.57 12.04 -12.98
C SER A 13 -14.77 12.98 -11.82
C SER A 13 -14.75 12.96 -11.78
N GLY A 14 -13.68 13.65 -11.41
CA GLY A 14 -13.68 14.50 -10.25
C GLY A 14 -13.12 13.85 -9.00
N ASP A 15 -13.08 12.51 -8.95
CA ASP A 15 -12.42 11.81 -7.85
C ASP A 15 -10.91 12.07 -7.87
N LYS A 16 -10.28 11.92 -6.71
CA LYS A 16 -8.84 11.88 -6.61
C LYS A 16 -8.42 10.58 -5.95
N VAL A 17 -7.23 10.10 -6.33
CA VAL A 17 -6.60 8.94 -5.71
C VAL A 17 -5.41 9.44 -4.88
N PHE A 18 -5.29 8.94 -3.64
CA PHE A 18 -4.34 9.38 -2.63
C PHE A 18 -3.38 8.21 -2.38
N PHE A 19 -2.07 8.45 -2.53
CA PHE A 19 -1.05 7.42 -2.36
C PHE A 19 -0.26 7.70 -1.07
N ALA A 20 -0.08 6.67 -0.25
CA ALA A 20 0.55 6.79 1.06
C ALA A 20 1.53 5.64 1.27
N GLY A 21 2.55 5.89 2.08
CA GLY A 21 3.49 4.82 2.39
C GLY A 21 4.92 5.34 2.38
N ASP A 22 5.85 4.42 2.21
CA ASP A 22 7.29 4.70 2.31
C ASP A 22 7.91 4.67 0.92
N SER A 23 9.20 4.32 0.85
CA SER A 23 9.91 4.32 -0.44
C SER A 23 9.40 3.24 -1.38
N LEU A 24 8.74 2.20 -0.88
CA LEU A 24 8.11 1.22 -1.76
C LEU A 24 7.02 1.88 -2.61
N MET A 25 6.24 2.76 -1.99
CA MET A 25 5.22 3.49 -2.75
C MET A 25 5.83 4.61 -3.60
N GLN A 26 6.89 5.26 -3.12
CA GLN A 26 7.41 6.43 -3.81
C GLN A 26 7.75 6.15 -5.27
N GLY A 27 8.28 4.94 -5.55
CA GLY A 27 8.66 4.61 -6.91
C GLY A 27 7.52 4.13 -7.79
N VAL A 28 6.47 3.59 -7.19
CA VAL A 28 5.34 3.04 -7.92
C VAL A 28 4.29 4.11 -8.24
N ALA A 29 3.96 4.94 -7.26
CA ALA A 29 2.85 5.89 -7.39
C ALA A 29 2.93 6.75 -8.64
N PRO A 30 4.08 7.32 -9.02
CA PRO A 30 4.11 8.20 -10.21
C PRO A 30 3.59 7.54 -11.47
N PHE A 31 3.87 6.24 -11.68
CA PHE A 31 3.34 5.54 -12.84
C PHE A 31 1.83 5.42 -12.79
N VAL A 32 1.27 5.12 -11.61
CA VAL A 32 -0.18 5.07 -11.47
C VAL A 32 -0.77 6.45 -11.69
N GLN A 33 -0.15 7.48 -11.10
CA GLN A 33 -0.66 8.84 -11.29
C GLN A 33 -0.77 9.19 -12.77
N LYS A 34 0.25 8.83 -13.56
CA LYS A 34 0.24 9.15 -14.99
C LYS A 34 -0.85 8.38 -15.73
N SER A 35 -1.01 7.10 -15.40
CA SER A 35 -2.05 6.28 -16.04
C SER A 35 -3.45 6.78 -15.68
N LEU A 36 -3.66 7.14 -14.41
CA LEU A 36 -4.98 7.68 -14.04
C LEU A 36 -5.29 8.94 -14.83
N LYS A 37 -4.29 9.83 -14.96
CA LYS A 37 -4.51 11.10 -15.66
C LYS A 37 -4.77 10.87 -17.15
N GLN A 38 -3.94 10.05 -17.79
CA GLN A 38 -4.07 9.88 -19.24
C GLN A 38 -5.27 9.00 -19.62
N GLN A 39 -5.58 7.99 -18.82
CA GLN A 39 -6.65 7.08 -19.19
C GLN A 39 -8.02 7.62 -18.83
N TYR A 40 -8.14 8.27 -17.68
CA TYR A 40 -9.43 8.66 -17.13
C TYR A 40 -9.57 10.13 -16.81
N GLY A 41 -8.50 10.93 -16.90
CA GLY A 41 -8.58 12.30 -16.46
C GLY A 41 -8.63 12.48 -14.95
N ILE A 42 -8.20 11.46 -14.20
CA ILE A 42 -8.34 11.42 -12.76
C ILE A 42 -7.06 11.97 -12.12
N GLU A 43 -7.20 12.95 -11.23
CA GLU A 43 -6.09 13.57 -10.53
C GLU A 43 -5.73 12.79 -9.27
N SER A 44 -4.57 13.09 -8.70
CA SER A 44 -4.10 12.28 -7.57
C SER A 44 -3.14 13.08 -6.72
N ALA A 45 -2.90 12.58 -5.50
CA ALA A 45 -1.93 13.16 -4.58
C ALA A 45 -1.03 12.05 -4.09
N ASN A 46 0.28 12.27 -4.14
CA ASN A 46 1.27 11.27 -3.74
C ASN A 46 2.04 11.84 -2.56
N LEU A 47 1.73 11.35 -1.36
CA LEU A 47 2.36 11.82 -0.14
C LEU A 47 3.37 10.82 0.41
N SER A 48 3.72 9.79 -0.34
CA SER A 48 4.65 8.79 0.18
C SER A 48 5.99 9.43 0.54
N LYS A 49 6.64 8.87 1.55
CA LYS A 49 7.78 9.53 2.18
C LYS A 49 8.79 8.48 2.62
N GLN A 50 10.05 8.71 2.28
CA GLN A 50 11.10 7.75 2.59
C GLN A 50 11.23 7.55 4.10
N SER A 51 11.52 6.31 4.49
CA SER A 51 11.81 5.90 5.86
C SER A 51 10.60 5.89 6.79
N THR A 52 9.39 6.10 6.29
CA THR A 52 8.22 6.17 7.16
C THR A 52 7.53 4.80 7.32
N GLY A 53 6.59 4.75 8.24
CA GLY A 53 5.86 3.51 8.49
C GLY A 53 4.81 3.74 9.56
N LEU A 54 4.31 2.65 10.13
CA LEU A 54 3.34 2.75 11.21
C LEU A 54 3.95 2.60 12.60
N SER A 55 5.19 2.11 12.70
CA SER A 55 5.75 1.85 14.03
C SER A 55 6.20 3.11 14.75
N TYR A 56 6.62 4.14 14.01
CA TYR A 56 7.18 5.36 14.61
C TYR A 56 6.46 6.60 14.08
N PRO A 57 5.27 6.87 14.57
CA PRO A 57 4.58 8.12 14.20
C PRO A 57 5.32 9.36 14.65
N SER A 58 6.25 9.21 15.60
CA SER A 58 7.09 10.33 16.01
C SER A 58 7.99 10.80 14.88
N PHE A 59 8.36 9.91 13.96
CA PHE A 59 9.07 10.33 12.77
C PHE A 59 8.11 10.97 11.77
N PHE A 60 7.03 10.26 11.47
CA PHE A 60 5.98 10.73 10.57
C PHE A 60 4.72 9.94 10.90
N ASP A 61 3.61 10.64 11.16
CA ASP A 61 2.40 10.02 11.70
C ASP A 61 1.44 9.75 10.54
N TRP A 62 1.45 8.51 10.02
CA TRP A 62 0.61 8.22 8.86
C TRP A 62 -0.86 8.22 9.20
N PRO A 63 -1.32 7.60 10.29
CA PRO A 63 -2.75 7.69 10.61
C PRO A 63 -3.25 9.12 10.74
N LYS A 64 -2.53 9.98 11.45
CA LYS A 64 -2.97 11.37 11.57
C LYS A 64 -2.93 12.09 10.23
N THR A 65 -1.87 11.88 9.45
CA THR A 65 -1.79 12.50 8.12
C THR A 65 -2.98 12.09 7.26
N ILE A 66 -3.34 10.81 7.28
CA ILE A 66 -4.46 10.35 6.46
C ILE A 66 -5.78 10.97 6.94
N GLU A 67 -6.00 10.97 8.27
CA GLU A 67 -7.20 11.61 8.83
C GLU A 67 -7.34 13.05 8.37
N GLU A 68 -6.24 13.81 8.42
CA GLU A 68 -6.32 15.24 8.07
C GLU A 68 -6.44 15.43 6.56
N THR A 69 -5.77 14.60 5.76
CA THR A 69 -5.86 14.74 4.31
C THR A 69 -7.28 14.48 3.83
N LEU A 70 -7.94 13.45 4.38
CA LEU A 70 -9.30 13.14 3.95
C LEU A 70 -10.27 14.23 4.36
N LYS A 71 -10.07 14.83 5.55
CA LYS A 71 -10.94 15.92 5.97
C LYS A 71 -10.81 17.12 5.04
N LYS A 72 -9.59 17.43 4.60
CA LYS A 72 -9.37 18.58 3.75
C LYS A 72 -9.73 18.33 2.30
N HIS A 73 -9.79 17.07 1.88
CA HIS A 73 -9.95 16.72 0.46
C HIS A 73 -11.05 15.67 0.34
N PRO A 74 -12.32 16.08 0.47
CA PRO A 74 -13.43 15.13 0.34
C PRO A 74 -13.56 14.52 -1.05
N GLU A 75 -12.89 15.07 -2.05
CA GLU A 75 -12.92 14.50 -3.39
C GLU A 75 -12.09 13.22 -3.51
N ILE A 76 -11.25 12.90 -2.52
CA ILE A 76 -10.51 11.64 -2.53
C ILE A 76 -11.48 10.49 -2.38
N SER A 77 -11.46 9.53 -3.32
CA SER A 77 -12.30 8.36 -3.21
C SER A 77 -11.52 7.06 -3.07
N VAL A 78 -10.20 7.08 -3.22
CA VAL A 78 -9.35 5.89 -3.15
C VAL A 78 -8.10 6.25 -2.37
N LEU A 79 -7.71 5.37 -1.42
CA LEU A 79 -6.47 5.47 -0.66
C LEU A 79 -5.66 4.21 -0.94
N ALA A 80 -4.45 4.37 -1.50
CA ALA A 80 -3.56 3.25 -1.78
C ALA A 80 -2.36 3.33 -0.84
N VAL A 81 -1.99 2.18 -0.26
CA VAL A 81 -1.00 2.15 0.82
C VAL A 81 0.05 1.07 0.50
N PHE A 82 1.33 1.39 0.72
CA PHE A 82 2.42 0.44 0.47
C PHE A 82 3.54 0.79 1.43
N LEU A 83 3.83 -0.08 2.41
CA LEU A 83 4.85 0.20 3.41
C LEU A 83 5.28 -1.12 4.03
N GLY A 84 6.20 -1.04 4.98
CA GLY A 84 6.55 -2.21 5.75
C GLY A 84 8.00 -2.26 6.24
N PRO A 85 8.95 -2.05 5.32
CA PRO A 85 10.36 -2.34 5.65
C PRO A 85 10.96 -1.46 6.73
N ASN A 86 10.36 -0.33 7.07
CA ASN A 86 10.88 0.51 8.15
C ASN A 86 10.24 0.19 9.49
N ASP A 87 9.36 -0.80 9.56
CA ASP A 87 8.53 -1.03 10.74
C ASP A 87 8.93 -2.21 11.64
N PRO A 88 9.87 -3.10 11.26
CA PRO A 88 10.07 -4.32 12.08
C PRO A 88 10.97 -4.09 13.29
N TRP A 89 10.52 -3.21 14.19
CA TRP A 89 11.33 -2.73 15.30
C TRP A 89 10.49 -2.65 16.56
N ASP A 90 11.14 -2.81 17.73
CA ASP A 90 10.47 -2.48 18.98
C ASP A 90 10.05 -1.01 18.94
N PHE A 91 8.98 -0.67 19.64
CA PHE A 91 8.62 0.75 19.69
C PHE A 91 7.87 1.04 21.00
N PRO A 92 7.92 2.29 21.46
CA PRO A 92 7.21 2.67 22.68
C PRO A 92 5.77 3.07 22.39
N VAL A 93 4.91 2.81 23.37
CA VAL A 93 3.52 3.26 23.32
C VAL A 93 3.19 3.82 24.70
N GLY A 94 3.00 5.13 24.79
CA GLY A 94 2.75 5.76 26.07
C GLY A 94 3.84 5.41 27.07
N LYS A 95 3.48 4.67 28.12
CA LYS A 95 4.43 4.28 29.15
C LYS A 95 5.09 2.93 28.88
N ARG A 96 4.62 2.17 27.89
CA ARG A 96 5.13 0.83 27.62
C ARG A 96 6.16 0.85 26.51
N TYR A 97 6.94 -0.24 26.44
CA TYR A 97 7.91 -0.46 25.38
C TYR A 97 7.65 -1.84 24.79
N LEU A 98 7.10 -1.89 23.58
CA LEU A 98 6.62 -3.15 22.99
C LEU A 98 7.65 -3.78 22.07
N LYS A 99 7.83 -5.10 22.21
CA LYS A 99 8.86 -5.82 21.47
C LYS A 99 8.32 -6.40 20.16
N PHE A 100 9.10 -6.25 19.09
CA PHE A 100 8.68 -6.70 17.77
C PHE A 100 8.11 -8.11 17.79
N ALA A 101 6.91 -8.25 17.24
CA ALA A 101 6.22 -9.52 16.99
C ALA A 101 5.68 -10.18 18.24
N SER A 102 5.69 -9.48 19.38
CA SER A 102 4.95 -9.95 20.55
C SER A 102 3.45 -9.73 20.33
N ASP A 103 2.64 -10.39 21.15
CA ASP A 103 1.19 -10.20 21.05
C ASP A 103 0.80 -8.73 21.22
N GLU A 104 1.42 -8.05 22.19
CA GLU A 104 1.06 -6.64 22.44
C GLU A 104 1.52 -5.74 21.31
N TRP A 105 2.71 -6.01 20.76
CA TRP A 105 3.20 -5.24 19.62
C TRP A 105 2.24 -5.39 18.44
N ALA A 106 1.87 -6.64 18.13
CA ALA A 106 0.98 -6.86 16.99
C ALA A 106 -0.37 -6.19 17.20
N GLN A 107 -0.90 -6.25 18.42
CA GLN A 107 -2.16 -5.59 18.74
C GLN A 107 -2.09 -4.08 18.51
N GLU A 108 -1.02 -3.44 18.97
CA GLU A 108 -0.90 -2.00 18.75
C GLU A 108 -0.68 -1.68 17.27
N TYR A 109 0.12 -2.49 16.57
CA TYR A 109 0.33 -2.25 15.14
C TYR A 109 -0.99 -2.32 14.39
N LEU A 110 -1.79 -3.34 14.66
CA LEU A 110 -3.08 -3.46 13.97
C LEU A 110 -4.08 -2.39 14.39
N LYS A 111 -3.96 -1.85 15.61
CA LYS A 111 -4.82 -0.73 16.00
C LYS A 111 -4.54 0.49 15.14
N ARG A 112 -3.26 0.69 14.80
CA ARG A 112 -2.89 1.79 13.91
C ARG A 112 -3.39 1.54 12.50
N VAL A 113 -3.33 0.28 12.05
CA VAL A 113 -3.93 -0.08 10.77
C VAL A 113 -5.43 0.23 10.79
N ASP A 114 -6.12 -0.16 11.86
CA ASP A 114 -7.57 0.08 11.95
C ASP A 114 -7.90 1.56 11.97
N ARG A 115 -7.06 2.39 12.59
CA ARG A 115 -7.30 3.82 12.58
C ARG A 115 -7.32 4.36 11.15
N ILE A 116 -6.43 3.84 10.29
CA ILE A 116 -6.42 4.24 8.89
C ILE A 116 -7.69 3.76 8.18
N LEU A 117 -8.09 2.51 8.42
CA LEU A 117 -9.31 2.00 7.79
C LEU A 117 -10.51 2.79 8.25
N GLU A 118 -10.58 3.12 9.55
CA GLU A 118 -11.72 3.86 10.07
C GLU A 118 -11.82 5.26 9.48
N ALA A 119 -10.68 5.93 9.34
CA ALA A 119 -10.68 7.25 8.70
C ALA A 119 -11.19 7.15 7.28
N ALA A 120 -10.66 6.19 6.51
CA ALA A 120 -11.11 6.05 5.12
C ALA A 120 -12.59 5.73 5.06
N HIS A 121 -13.03 4.72 5.82
CA HIS A 121 -14.38 4.20 5.66
C HIS A 121 -15.42 5.17 6.18
N THR A 122 -15.10 5.92 7.23
CA THR A 122 -15.96 7.02 7.66
C THR A 122 -16.25 7.98 6.51
N HIS A 123 -15.28 8.18 5.62
CA HIS A 123 -15.44 9.11 4.51
C HIS A 123 -15.74 8.39 3.20
N ARG A 124 -16.17 7.14 3.26
CA ARG A 124 -16.53 6.39 2.07
C ARG A 124 -15.37 6.37 1.06
N VAL A 125 -14.16 6.14 1.57
CA VAL A 125 -12.94 6.07 0.78
C VAL A 125 -12.53 4.61 0.68
N GLN A 126 -12.26 4.16 -0.54
CA GLN A 126 -11.94 2.76 -0.83
C GLN A 126 -10.44 2.54 -0.65
N VAL A 127 -10.06 1.58 0.19
CA VAL A 127 -8.66 1.34 0.54
C VAL A 127 -8.10 0.21 -0.31
N VAL A 128 -6.91 0.44 -0.90
CA VAL A 128 -6.11 -0.55 -1.62
C VAL A 128 -4.78 -0.68 -0.89
N TRP A 129 -4.39 -1.89 -0.51
CA TRP A 129 -3.18 -2.06 0.29
C TRP A 129 -2.31 -3.12 -0.36
N LEU A 130 -1.04 -2.80 -0.61
CA LEU A 130 -0.16 -3.70 -1.33
C LEU A 130 0.60 -4.61 -0.37
N GLY A 131 0.73 -5.87 -0.74
CA GLY A 131 1.50 -6.79 0.08
C GLY A 131 2.98 -6.52 -0.02
N ILE A 132 3.72 -7.00 0.98
CA ILE A 132 5.15 -6.71 1.08
C ILE A 132 5.91 -7.70 0.20
N PRO A 133 6.90 -7.26 -0.59
CA PRO A 133 7.65 -8.20 -1.44
C PRO A 133 8.57 -9.08 -0.62
N TYR A 134 9.07 -10.13 -1.26
CA TYR A 134 10.20 -10.88 -0.72
C TYR A 134 11.44 -10.01 -0.72
N MET A 135 12.30 -10.21 0.29
CA MET A 135 13.52 -9.41 0.43
C MET A 135 14.74 -10.30 0.28
N LYS A 136 15.84 -9.70 -0.20
CA LYS A 136 17.06 -10.46 -0.45
C LYS A 136 17.78 -10.78 0.85
N LYS A 137 17.78 -9.85 1.80
CA LYS A 137 18.39 -10.08 3.11
C LYS A 137 17.53 -11.05 3.91
N VAL A 138 18.15 -12.08 4.49
CA VAL A 138 17.35 -13.19 5.01
C VAL A 138 16.65 -12.78 6.30
N LYS A 139 17.29 -11.98 7.15
CA LYS A 139 16.63 -11.58 8.39
C LYS A 139 15.48 -10.64 8.10
N LEU A 140 15.72 -9.62 7.26
CA LEU A 140 14.63 -8.73 6.89
C LEU A 140 13.49 -9.48 6.21
N ASP A 141 13.82 -10.48 5.38
CA ASP A 141 12.78 -11.21 4.69
C ASP A 141 11.91 -11.97 5.68
N GLY A 142 12.52 -12.52 6.73
CA GLY A 142 11.73 -13.20 7.74
C GLY A 142 10.83 -12.24 8.50
N GLN A 143 11.33 -11.04 8.80
CA GLN A 143 10.50 -10.03 9.45
C GLN A 143 9.34 -9.60 8.56
N MET A 144 9.61 -9.44 7.27
CA MET A 144 8.57 -8.99 6.35
C MET A 144 7.55 -10.09 6.06
N ARG A 145 7.99 -11.35 6.02
CA ARG A 145 7.01 -12.43 5.87
C ARG A 145 6.09 -12.48 7.08
N TYR A 146 6.62 -12.24 8.27
CA TYR A 146 5.78 -12.14 9.45
C TYR A 146 4.80 -10.98 9.33
N LEU A 147 5.32 -9.79 9.02
CA LEU A 147 4.47 -8.61 9.00
C LEU A 147 3.43 -8.72 7.89
N ASP A 148 3.82 -9.26 6.73
CA ASP A 148 2.87 -9.38 5.64
C ASP A 148 1.73 -10.32 6.00
N LYS A 149 2.01 -11.41 6.73
CA LYS A 149 0.94 -12.31 7.14
C LYS A 149 0.08 -11.69 8.23
N LEU A 150 0.68 -10.96 9.18
CA LEU A 150 -0.10 -10.26 10.18
C LEU A 150 -1.09 -9.30 9.51
N LEU A 151 -0.60 -8.53 8.53
CA LEU A 151 -1.47 -7.58 7.83
C LEU A 151 -2.52 -8.29 6.98
N SER A 152 -2.10 -9.26 6.18
CA SER A 152 -3.07 -9.87 5.26
C SER A 152 -4.15 -10.64 6.01
N GLU A 153 -3.79 -11.32 7.10
CA GLU A 153 -4.81 -12.04 7.88
C GLU A 153 -5.84 -11.09 8.46
N HIS A 154 -5.40 -9.89 8.83
CA HIS A 154 -6.30 -8.90 9.41
C HIS A 154 -7.11 -8.17 8.34
N LEU A 155 -6.52 -7.95 7.16
CA LEU A 155 -7.13 -7.09 6.14
C LEU A 155 -7.98 -7.84 5.13
N LYS A 156 -7.76 -9.13 4.94
CA LYS A 156 -8.49 -9.87 3.92
C LYS A 156 -9.99 -9.80 4.21
N GLY A 157 -10.77 -9.53 3.17
CA GLY A 157 -12.21 -9.39 3.34
C GLY A 157 -12.67 -8.02 3.77
N LYS A 158 -11.76 -7.13 4.20
CA LYS A 158 -12.11 -5.78 4.61
C LYS A 158 -11.79 -4.74 3.54
N ILE A 159 -10.72 -4.96 2.77
CA ILE A 159 -10.27 -3.98 1.79
C ILE A 159 -9.77 -4.72 0.55
N ILE A 160 -9.23 -3.96 -0.40
CA ILE A 160 -8.65 -4.52 -1.61
C ILE A 160 -7.17 -4.79 -1.33
N LEU A 161 -6.75 -6.05 -1.50
CA LEU A 161 -5.35 -6.43 -1.28
C LEU A 161 -4.68 -6.76 -2.61
N ILE A 162 -3.45 -6.28 -2.78
CA ILE A 162 -2.65 -6.59 -3.97
C ILE A 162 -1.34 -7.24 -3.52
N PRO A 163 -1.25 -8.56 -3.54
CA PRO A 163 0.04 -9.22 -3.24
C PRO A 163 1.08 -8.83 -4.28
N THR A 164 2.34 -8.65 -3.83
CA THR A 164 3.42 -8.31 -4.75
C THR A 164 4.54 -9.34 -4.78
N ALA A 165 4.69 -10.16 -3.75
CA ALA A 165 5.90 -10.98 -3.61
C ALA A 165 6.06 -11.96 -4.76
N GLN A 166 5.03 -12.75 -5.05
CA GLN A 166 5.17 -13.74 -6.12
C GLN A 166 5.24 -13.08 -7.49
N THR A 167 4.45 -12.01 -7.71
CA THR A 167 4.51 -11.31 -8.99
C THR A 167 5.93 -10.83 -9.29
N LEU A 168 6.59 -10.23 -8.30
CA LEU A 168 7.95 -9.71 -8.51
C LEU A 168 8.97 -10.82 -8.68
N SER A 169 8.63 -12.04 -8.28
CA SER A 169 9.54 -13.18 -8.38
C SER A 169 9.15 -14.16 -9.47
N GLY A 170 8.16 -13.81 -10.29
CA GLY A 170 7.68 -14.74 -11.30
C GLY A 170 7.18 -16.04 -10.72
N GLY A 171 6.69 -16.02 -9.49
CA GLY A 171 6.10 -17.21 -8.88
C GLY A 171 7.05 -18.13 -8.16
N LYS A 172 8.33 -17.77 -8.04
CA LYS A 172 9.31 -18.71 -7.49
C LYS A 172 9.16 -18.93 -5.99
N GLY A 173 8.31 -18.17 -5.31
CA GLY A 173 8.13 -18.34 -3.88
C GLY A 173 9.25 -17.82 -3.02
N ARG A 174 10.20 -17.12 -3.60
CA ARG A 174 11.27 -16.48 -2.83
C ARG A 174 11.81 -15.33 -3.65
N TYR A 175 12.64 -14.52 -3.00
CA TYR A 175 13.32 -13.42 -3.69
C TYR A 175 14.05 -13.93 -4.92
N THR A 176 13.97 -13.18 -6.01
CA THR A 176 14.82 -13.37 -7.17
C THR A 176 15.27 -12.00 -7.63
N ASP A 177 16.46 -11.95 -8.24
CA ASP A 177 16.89 -10.68 -8.83
C ASP A 177 16.18 -10.43 -10.15
N SER A 178 16.12 -11.43 -11.02
CA SER A 178 15.51 -11.29 -12.34
C SER A 178 14.42 -12.35 -12.55
N VAL A 179 13.59 -12.10 -13.56
CA VAL A 179 12.51 -12.99 -13.96
C VAL A 179 12.57 -13.14 -15.48
N ASN A 180 12.19 -14.32 -15.96
CA ASN A 180 12.17 -14.57 -17.40
C ASN A 180 10.84 -14.12 -18.01
N GLY A 183 11.60 -15.44 -22.48
CA GLY A 183 12.92 -16.02 -22.58
C GLY A 183 14.03 -15.10 -22.13
N LYS A 184 13.76 -13.79 -22.14
CA LYS A 184 14.77 -12.85 -21.68
C LYS A 184 14.59 -12.56 -20.18
N PRO A 185 15.69 -12.51 -19.43
CA PRO A 185 15.58 -12.16 -18.01
C PRO A 185 15.35 -10.67 -17.83
N VAL A 186 14.42 -10.33 -16.94
CA VAL A 186 14.10 -8.95 -16.63
C VAL A 186 14.37 -8.72 -15.16
N ARG A 187 15.07 -7.63 -14.85
CA ARG A 187 15.37 -7.28 -13.47
C ARG A 187 14.27 -6.37 -12.93
N TYR A 188 13.58 -6.85 -11.89
CA TYR A 188 12.54 -6.05 -11.24
C TYR A 188 12.99 -5.42 -9.93
N ARG A 189 14.06 -5.91 -9.32
CA ARG A 189 14.51 -5.45 -8.02
C ARG A 189 15.81 -4.68 -8.16
N SER A 190 15.97 -3.65 -7.33
CA SER A 190 17.19 -2.87 -7.34
C SER A 190 18.30 -3.62 -6.62
N LYS A 191 19.52 -3.08 -6.72
CA LYS A 191 20.69 -3.81 -6.22
C LYS A 191 20.66 -3.99 -4.70
N ASP A 192 19.95 -3.11 -3.99
CA ASP A 192 19.86 -3.23 -2.53
C ASP A 192 18.97 -4.38 -2.08
N GLY A 193 18.37 -5.12 -3.01
CA GLY A 193 17.54 -6.26 -2.65
C GLY A 193 16.28 -5.92 -1.88
N ILE A 194 15.83 -4.67 -1.94
CA ILE A 194 14.63 -4.23 -1.25
C ILE A 194 13.67 -3.54 -2.21
N HIS A 195 14.18 -2.55 -2.95
CA HIS A 195 13.35 -1.70 -3.78
C HIS A 195 13.30 -2.24 -5.21
N PHE A 196 12.86 -1.41 -6.16
CA PHE A 196 12.54 -1.86 -7.51
C PHE A 196 13.31 -1.08 -8.55
N THR A 197 13.50 -1.71 -9.70
CA THR A 197 13.89 -1.04 -10.93
C THR A 197 12.68 -0.32 -11.53
N ALA A 198 12.92 0.47 -12.57
CA ALA A 198 11.80 1.10 -13.27
C ALA A 198 10.84 0.04 -13.82
N GLU A 199 11.37 -1.10 -14.28
CA GLU A 199 10.50 -2.16 -14.77
C GLU A 199 9.66 -2.76 -13.64
N GLY A 200 10.24 -2.92 -12.44
CA GLY A 200 9.45 -3.40 -11.32
C GLY A 200 8.40 -2.40 -10.88
N GLN A 201 8.74 -1.12 -10.91
CA GLN A 201 7.77 -0.09 -10.53
C GLN A 201 6.58 -0.09 -11.48
N LYS A 202 6.84 -0.20 -12.79
CA LYS A 202 5.78 -0.23 -13.77
C LYS A 202 4.90 -1.47 -13.63
N LEU A 203 5.52 -2.63 -13.34
CA LEU A 203 4.73 -3.84 -13.17
C LEU A 203 3.75 -3.70 -12.01
N LEU A 204 4.19 -3.14 -10.89
CA LEU A 204 3.30 -2.99 -9.75
C LEU A 204 2.25 -1.91 -10.01
N ALA A 205 2.62 -0.85 -10.73
CA ALA A 205 1.63 0.15 -11.13
C ALA A 205 0.54 -0.47 -11.99
N GLU A 206 0.91 -1.40 -12.88
CA GLU A 206 -0.10 -2.09 -13.68
C GLU A 206 -1.01 -2.93 -12.79
N LYS A 207 -0.47 -3.55 -11.74
CA LYS A 207 -1.30 -4.34 -10.83
C LYS A 207 -2.29 -3.45 -10.07
N ILE A 208 -1.86 -2.24 -9.71
CA ILE A 208 -2.77 -1.30 -9.07
C ILE A 208 -3.87 -0.88 -10.03
N MET A 209 -3.50 -0.55 -11.27
CA MET A 209 -4.51 -0.11 -12.24
C MET A 209 -5.54 -1.18 -12.53
N GLU A 210 -5.16 -2.47 -12.44
CA GLU A 210 -6.14 -3.54 -12.56
C GLU A 210 -7.22 -3.47 -11.49
N LYS A 211 -6.96 -2.81 -10.37
CA LYS A 211 -7.91 -2.72 -9.27
C LYS A 211 -8.66 -1.40 -9.24
N ILE A 212 -8.45 -0.53 -10.23
CA ILE A 212 -9.16 0.74 -10.30
C ILE A 212 -10.03 0.72 -11.56
N VAL A 213 -11.34 0.89 -11.37
CA VAL A 213 -12.32 0.74 -12.43
C VAL A 213 -12.99 2.10 -12.64
N PHE A 214 -12.86 2.64 -13.85
CA PHE A 214 -13.52 3.91 -14.17
C PHE A 214 -15.01 3.68 -14.34
N GLU A 215 -15.82 4.58 -13.76
CA GLU A 215 -17.27 4.50 -13.83
C GLU A 215 -17.80 5.65 -14.68
N PRO A 216 -18.39 5.40 -15.83
CA PRO A 216 -18.96 6.48 -16.64
C PRO A 216 -20.21 7.03 -15.98
N SER A 217 -20.62 8.22 -16.45
CA SER A 217 -21.76 8.89 -15.83
C SER A 217 -23.09 8.19 -16.10
N THR A 218 -23.16 7.31 -17.11
CA THR A 218 -24.38 6.56 -17.35
C THR A 218 -24.42 5.23 -16.61
N GLN A 219 -23.44 4.97 -15.70
CA GLN A 219 -23.44 3.83 -14.81
C GLN A 219 -23.55 4.29 -13.36
N PRO A 220 -24.26 3.56 -12.49
CA PRO A 220 -24.97 2.32 -12.82
C PRO A 220 -26.24 2.61 -13.61
N SER A 221 -26.82 1.61 -14.26
CA SER A 221 -28.07 1.85 -14.97
C SER A 221 -29.26 1.60 -14.05
N SER A 222 -30.41 2.16 -14.43
CA SER A 222 -31.62 2.02 -13.62
C SER A 222 -32.36 0.74 -13.97
S10 03S B . 12.42 3.35 1.97
O11 03S B . 12.46 1.99 2.63
O12 03S B . 11.42 4.08 2.83
C13 03S B . 14.05 4.14 1.96
H113 03S B . 14.38 4.20 2.87
H213 03S B . 14.66 3.61 1.42
H313 03S B . 13.98 5.03 1.58
#